data_2PNU
#
_entry.id   2PNU
#
_cell.length_a   53.650
_cell.length_b   66.360
_cell.length_c   70.780
_cell.angle_alpha   90.00
_cell.angle_beta   90.00
_cell.angle_gamma   90.00
#
_symmetry.space_group_name_H-M   'P 21 21 21'
#
loop_
_entity.id
_entity.type
_entity.pdbx_description
1 polymer 'Androgen receptor'
2 non-polymer 'SULFATE ION'
3 non-polymer (5S,8R,9S,10S,13R,14S,17S)-13-{2-[(3,5-DIFLUOROBENZYL)OXY]ETHYL}-17-HYDROXY-10-METHYLHEXADECAHYDRO-3H-CYCLOPENTA[A]PHENANTHREN-3-ONE
4 non-polymer 2,3-DIHYDROXY-1,4-DITHIOBUTANE
5 non-polymer '2-(N-MORPHOLINO)-ETHANESULFONIC ACID'
6 water water
#
_entity_poly.entity_id   1
_entity_poly.type   'polypeptide(L)'
_entity_poly.pdbx_seq_one_letter_code
;ETTQKLTVSHIEGYECQPIFLNVLEAIEPGVVCAGHDNNQPDSFAALLSSLNELGERQLVHVVKWAKALPGFRNLHVDDQ
MAVIQYSWMGLMVFAMGWRSFTNVNSRMLYFAPDLVFNEYRMHKSRMYSQCVRMRHLSQEFGWLQITPQEFLCMKALLLF
SIIPVDGLKNQKFFDELRMNYIKELDRIIACKRKNPTSCSRRFYQLTKLLDSVQPIARELHQFTFDLLIKSHMVSVDFPE
MMAEIISVQVPKILSGKVKPIYFHTQ
;
_entity_poly.pdbx_strand_id   A
#
loop_
_chem_comp.id
_chem_comp.type
_chem_comp.name
_chem_comp.formula
DTT non-polymer 2,3-DIHYDROXY-1,4-DITHIOBUTANE 'C4 H10 O2 S2'
ENM non-polymer (5S,8R,9S,10S,13R,14S,17S)-13-{2-[(3,5-DIFLUOROBENZYL)OXY]ETHYL}-17-HYDROXY-10-METHYLHEXADECAHYDRO-3H-CYCLOPENTA[A]PHENANTHREN-3-ONE 'C27 H36 F2 O3'
MES non-polymer '2-(N-MORPHOLINO)-ETHANESULFONIC ACID' 'C6 H13 N O4 S'
SO4 non-polymer 'SULFATE ION' 'O4 S -2'
#
# COMPACT_ATOMS: atom_id res chain seq x y z
N GLN A 17 23.66 14.91 -9.08
CA GLN A 17 22.43 15.38 -8.38
C GLN A 17 21.54 14.16 -8.07
N PRO A 18 20.65 14.28 -7.07
CA PRO A 18 19.77 13.16 -6.72
C PRO A 18 18.70 12.94 -7.77
N ILE A 19 19.11 12.52 -8.96
CA ILE A 19 18.18 12.27 -10.07
C ILE A 19 17.03 11.35 -9.67
N PHE A 20 17.35 10.20 -9.12
CA PHE A 20 16.33 9.24 -8.73
C PHE A 20 15.33 9.82 -7.73
N LEU A 21 15.85 10.45 -6.67
CA LEU A 21 14.97 11.04 -5.67
C LEU A 21 14.15 12.18 -6.25
N ASN A 22 14.73 12.95 -7.16
CA ASN A 22 14.01 14.05 -7.79
C ASN A 22 12.78 13.49 -8.49
N VAL A 23 12.98 12.39 -9.21
CA VAL A 23 11.87 11.75 -9.92
C VAL A 23 10.77 11.29 -8.96
N LEU A 24 11.16 10.58 -7.90
CA LEU A 24 10.17 10.10 -6.93
C LEU A 24 9.37 11.23 -6.30
N GLU A 25 10.02 12.35 -6.00
N GLU A 25 10.02 12.35 -6.00
CA GLU A 25 9.34 13.49 -5.40
CA GLU A 25 9.34 13.48 -5.41
C GLU A 25 8.37 14.09 -6.42
C GLU A 25 8.37 14.09 -6.42
N ALA A 26 8.85 14.22 -7.65
CA ALA A 26 8.05 14.80 -8.73
C ALA A 26 6.76 14.04 -9.07
N ILE A 27 6.79 12.71 -8.98
CA ILE A 27 5.61 11.92 -9.31
C ILE A 27 4.72 11.56 -8.14
N GLU A 28 5.15 11.88 -6.92
CA GLU A 28 4.38 11.55 -5.74
C GLU A 28 2.99 12.20 -5.79
N PRO A 29 1.94 11.38 -5.74
CA PRO A 29 0.57 11.90 -5.79
C PRO A 29 0.25 12.94 -4.72
N GLY A 30 -0.65 13.85 -5.04
CA GLY A 30 -1.04 14.87 -4.09
C GLY A 30 -2.16 14.30 -3.22
N VAL A 31 -2.89 15.18 -2.55
CA VAL A 31 -3.99 14.77 -1.69
C VAL A 31 -5.12 14.10 -2.47
N VAL A 32 -5.67 13.02 -1.91
CA VAL A 32 -6.77 12.29 -2.55
C VAL A 32 -7.95 12.26 -1.57
N CYS A 33 -9.11 12.71 -2.04
CA CYS A 33 -10.31 12.75 -1.20
C CYS A 33 -11.17 11.52 -1.22
N ALA A 34 -11.82 11.23 -0.10
CA ALA A 34 -12.71 10.08 0.00
C ALA A 34 -14.14 10.48 -0.34
N GLY A 35 -14.46 11.75 -0.12
CA GLY A 35 -15.80 12.25 -0.40
C GLY A 35 -16.81 11.94 0.70
N HIS A 36 -16.30 11.52 1.85
CA HIS A 36 -17.12 11.16 3.01
C HIS A 36 -17.90 12.33 3.60
N ASP A 37 -19.09 12.04 4.12
CA ASP A 37 -19.92 13.07 4.76
C ASP A 37 -19.66 12.95 6.26
N ASN A 38 -18.86 13.87 6.78
CA ASN A 38 -18.51 13.87 8.20
C ASN A 38 -19.56 14.49 9.09
N ASN A 39 -20.72 14.80 8.51
CA ASN A 39 -21.83 15.39 9.28
C ASN A 39 -22.81 14.30 9.68
N GLN A 40 -22.71 13.16 9.01
CA GLN A 40 -23.59 12.03 9.28
C GLN A 40 -22.98 11.13 10.36
N PRO A 41 -23.84 10.47 11.17
CA PRO A 41 -23.31 9.59 12.21
C PRO A 41 -22.55 8.43 11.58
N ASP A 42 -21.50 7.97 12.24
CA ASP A 42 -20.69 6.87 11.74
C ASP A 42 -21.49 5.57 11.64
N SER A 43 -21.28 4.84 10.56
CA SER A 43 -21.94 3.56 10.33
C SER A 43 -21.01 2.71 9.48
N PHE A 44 -21.08 1.40 9.67
CA PHE A 44 -20.26 0.47 8.91
C PHE A 44 -20.42 0.72 7.41
N ALA A 45 -21.67 0.76 6.96
CA ALA A 45 -21.97 0.96 5.55
C ALA A 45 -21.41 2.26 4.96
N ALA A 46 -21.58 3.36 5.68
CA ALA A 46 -21.09 4.65 5.19
C ALA A 46 -19.57 4.69 5.19
N LEU A 47 -18.96 4.17 6.25
CA LEU A 47 -17.49 4.18 6.34
C LEU A 47 -16.84 3.31 5.26
N LEU A 48 -17.34 2.10 5.07
CA LEU A 48 -16.74 1.23 4.05
C LEU A 48 -17.03 1.74 2.64
N SER A 49 -18.18 2.40 2.47
N SER A 49 -18.17 2.39 2.45
CA SER A 49 -18.55 2.95 1.17
CA SER A 49 -18.50 2.92 1.13
C SER A 49 -17.55 4.04 0.80
C SER A 49 -17.53 4.04 0.79
N SER A 50 -17.17 4.84 1.80
CA SER A 50 -16.23 5.92 1.59
C SER A 50 -14.83 5.35 1.39
N LEU A 51 -14.50 4.27 2.08
CA LEU A 51 -13.19 3.67 1.90
C LEU A 51 -13.10 3.10 0.49
N ASN A 52 -14.20 2.53 0.00
CA ASN A 52 -14.19 1.97 -1.35
C ASN A 52 -14.06 3.08 -2.39
N GLU A 53 -14.71 4.22 -2.15
CA GLU A 53 -14.64 5.34 -3.07
C GLU A 53 -13.20 5.86 -3.08
N LEU A 54 -12.61 5.93 -1.89
CA LEU A 54 -11.23 6.39 -1.77
C LEU A 54 -10.35 5.39 -2.52
N GLY A 55 -10.67 4.12 -2.37
CA GLY A 55 -9.90 3.08 -3.04
C GLY A 55 -9.89 3.26 -4.53
N GLU A 56 -11.06 3.49 -5.11
CA GLU A 56 -11.16 3.68 -6.55
C GLU A 56 -10.31 4.86 -6.99
N ARG A 57 -10.38 5.96 -6.25
CA ARG A 57 -9.62 7.15 -6.58
C ARG A 57 -8.12 6.91 -6.45
N GLN A 58 -7.72 6.23 -5.38
CA GLN A 58 -6.31 5.92 -5.15
C GLN A 58 -5.73 5.00 -6.22
N LEU A 59 -6.54 4.06 -6.70
CA LEU A 59 -6.06 3.14 -7.74
C LEU A 59 -5.72 3.92 -9.00
N VAL A 60 -6.56 4.90 -9.34
CA VAL A 60 -6.32 5.72 -10.53
C VAL A 60 -4.98 6.43 -10.38
N HIS A 61 -4.75 6.99 -9.19
CA HIS A 61 -3.50 7.69 -8.91
C HIS A 61 -2.30 6.75 -8.91
N VAL A 62 -2.45 5.55 -8.34
CA VAL A 62 -1.35 4.61 -8.30
C VAL A 62 -0.92 4.15 -9.69
N VAL A 63 -1.89 3.96 -10.59
CA VAL A 63 -1.55 3.55 -11.95
C VAL A 63 -0.72 4.63 -12.64
N LYS A 64 -1.12 5.89 -12.50
CA LYS A 64 -0.38 7.00 -13.12
C LYS A 64 1.01 7.14 -12.52
N TRP A 65 1.08 6.98 -11.21
CA TRP A 65 2.34 7.07 -10.49
C TRP A 65 3.31 5.97 -10.94
N ALA A 66 2.85 4.72 -10.89
CA ALA A 66 3.68 3.58 -11.28
C ALA A 66 4.23 3.69 -12.70
N LYS A 67 3.37 4.08 -13.64
CA LYS A 67 3.81 4.18 -15.03
C LYS A 67 4.84 5.27 -15.24
N ALA A 68 4.98 6.17 -14.27
CA ALA A 68 5.97 7.25 -14.36
C ALA A 68 7.27 6.92 -13.63
N LEU A 69 7.33 5.74 -13.01
CA LEU A 69 8.54 5.31 -12.30
C LEU A 69 9.64 4.89 -13.27
N PRO A 70 10.90 5.18 -12.94
CA PRO A 70 12.00 4.80 -13.81
C PRO A 70 11.96 3.32 -14.18
N GLY A 71 12.00 3.03 -15.48
CA GLY A 71 12.01 1.65 -15.96
C GLY A 71 10.75 0.81 -15.90
N PHE A 72 9.70 1.30 -15.24
CA PHE A 72 8.47 0.52 -15.13
C PHE A 72 7.84 0.12 -16.46
N ARG A 73 7.84 1.03 -17.43
CA ARG A 73 7.24 0.75 -18.72
C ARG A 73 7.98 -0.29 -19.56
N ASN A 74 9.14 -0.73 -19.09
CA ASN A 74 9.87 -1.76 -19.83
C ASN A 74 9.31 -3.13 -19.51
N LEU A 75 8.47 -3.20 -18.48
CA LEU A 75 7.84 -4.46 -18.09
C LEU A 75 6.75 -4.72 -19.12
N HIS A 76 6.43 -5.99 -19.34
CA HIS A 76 5.36 -6.32 -20.29
C HIS A 76 4.11 -5.59 -19.79
N VAL A 77 3.30 -5.10 -20.72
CA VAL A 77 2.09 -4.37 -20.36
C VAL A 77 1.18 -5.14 -19.40
N ASP A 78 1.06 -6.45 -19.61
CA ASP A 78 0.21 -7.25 -18.74
C ASP A 78 0.84 -7.39 -17.36
N ASP A 79 2.17 -7.42 -17.30
CA ASP A 79 2.85 -7.52 -16.02
C ASP A 79 2.68 -6.22 -15.25
N GLN A 80 2.67 -5.10 -15.98
CA GLN A 80 2.51 -3.80 -15.34
C GLN A 80 1.23 -3.73 -14.51
N MET A 81 0.09 -4.08 -15.12
CA MET A 81 -1.16 -4.00 -14.37
C MET A 81 -1.22 -5.06 -13.27
N ALA A 82 -0.64 -6.22 -13.52
CA ALA A 82 -0.62 -7.30 -12.55
C ALA A 82 0.15 -6.87 -11.30
N VAL A 83 1.37 -6.38 -11.47
N VAL A 83 1.37 -6.37 -11.50
CA VAL A 83 2.16 -5.95 -10.31
CA VAL A 83 2.20 -5.92 -10.39
C VAL A 83 1.49 -4.80 -9.57
C VAL A 83 1.53 -4.79 -9.60
N ILE A 84 0.87 -3.88 -10.30
CA ILE A 84 0.19 -2.76 -9.67
C ILE A 84 -0.94 -3.31 -8.80
N GLN A 85 -1.74 -4.21 -9.37
CA GLN A 85 -2.85 -4.75 -8.60
C GLN A 85 -2.45 -5.64 -7.42
N TYR A 86 -1.36 -6.40 -7.57
CA TYR A 86 -0.92 -7.26 -6.47
C TYR A 86 -0.30 -6.46 -5.34
N SER A 87 0.44 -5.41 -5.69
CA SER A 87 1.12 -4.60 -4.67
C SER A 87 0.29 -3.45 -4.11
N TRP A 88 -0.82 -3.13 -4.76
CA TRP A 88 -1.66 -2.00 -4.34
C TRP A 88 -2.00 -1.90 -2.86
N MET A 89 -2.49 -2.98 -2.27
CA MET A 89 -2.87 -2.93 -0.85
C MET A 89 -1.68 -2.52 0.01
N GLY A 90 -0.54 -3.15 -0.25
CA GLY A 90 0.68 -2.84 0.49
C GLY A 90 1.07 -1.38 0.32
N LEU A 91 1.05 -0.91 -0.92
CA LEU A 91 1.39 0.48 -1.22
C LEU A 91 0.48 1.42 -0.44
N MET A 92 -0.82 1.13 -0.44
CA MET A 92 -1.79 1.98 0.23
C MET A 92 -1.67 1.96 1.75
N VAL A 93 -1.34 0.80 2.31
CA VAL A 93 -1.17 0.70 3.75
C VAL A 93 0.04 1.51 4.17
N PHE A 94 1.12 1.39 3.41
CA PHE A 94 2.36 2.10 3.69
C PHE A 94 2.15 3.60 3.55
N ALA A 95 1.53 4.03 2.46
CA ALA A 95 1.28 5.45 2.24
C ALA A 95 0.37 6.04 3.30
N MET A 96 -0.69 5.31 3.65
CA MET A 96 -1.62 5.78 4.67
C MET A 96 -0.92 5.88 6.01
N GLY A 97 -0.04 4.93 6.29
CA GLY A 97 0.70 4.96 7.54
C GLY A 97 1.57 6.21 7.60
N TRP A 98 2.19 6.56 6.48
CA TRP A 98 3.05 7.74 6.43
C TRP A 98 2.21 9.00 6.61
N ARG A 99 1.06 9.07 5.96
CA ARG A 99 0.16 10.22 6.09
C ARG A 99 -0.25 10.40 7.55
N SER A 100 -0.54 9.28 8.22
CA SER A 100 -0.97 9.33 9.61
C SER A 100 0.15 9.87 10.48
N PHE A 101 1.38 9.48 10.15
CA PHE A 101 2.53 9.92 10.90
C PHE A 101 2.77 11.42 10.74
N THR A 102 2.76 11.89 9.51
CA THR A 102 3.01 13.30 9.23
C THR A 102 1.88 14.28 9.57
N ASN A 103 0.64 13.81 9.57
N ASN A 103 0.64 13.81 9.57
CA ASN A 103 -0.49 14.67 9.86
CA ASN A 103 -0.49 14.68 9.86
C ASN A 103 -1.02 14.63 11.29
C ASN A 103 -1.04 14.63 11.28
N VAL A 104 -1.06 13.44 11.88
CA VAL A 104 -1.58 13.31 13.25
C VAL A 104 -0.69 12.50 14.18
N ASN A 105 0.59 12.45 13.87
CA ASN A 105 1.59 11.73 14.64
C ASN A 105 1.12 10.33 15.05
N SER A 106 0.53 9.63 14.08
CA SER A 106 0.06 8.25 14.28
C SER A 106 -1.03 8.07 15.31
N ARG A 107 -1.60 9.18 15.80
CA ARG A 107 -2.68 9.10 16.80
C ARG A 107 -3.91 8.44 16.19
N MET A 108 -4.22 8.81 14.96
CA MET A 108 -5.36 8.27 14.24
C MET A 108 -4.93 7.86 12.85
N LEU A 109 -5.81 7.19 12.12
CA LEU A 109 -5.50 6.75 10.77
C LEU A 109 -6.04 7.76 9.78
N TYR A 110 -5.11 8.41 9.09
CA TYR A 110 -5.42 9.45 8.11
C TYR A 110 -5.62 8.85 6.72
N PHE A 111 -6.76 8.21 6.48
CA PHE A 111 -7.02 7.64 5.17
C PHE A 111 -7.07 8.75 4.13
N ALA A 112 -7.69 9.86 4.51
CA ALA A 112 -7.82 11.03 3.65
C ALA A 112 -8.15 12.22 4.55
N PRO A 113 -7.98 13.45 4.04
CA PRO A 113 -8.29 14.64 4.84
C PRO A 113 -9.72 14.61 5.36
N ASP A 114 -10.60 14.02 4.57
CA ASP A 114 -12.01 13.92 4.92
C ASP A 114 -12.43 12.55 5.43
N LEU A 115 -11.45 11.72 5.79
CA LEU A 115 -11.74 10.40 6.32
C LEU A 115 -10.63 10.00 7.29
N VAL A 116 -10.69 10.58 8.48
CA VAL A 116 -9.71 10.31 9.52
C VAL A 116 -10.37 9.42 10.56
N PHE A 117 -9.81 8.24 10.79
CA PHE A 117 -10.37 7.29 11.74
C PHE A 117 -9.89 7.48 13.18
N ASN A 118 -10.84 7.73 14.08
CA ASN A 118 -10.53 7.82 15.49
C ASN A 118 -10.85 6.39 15.98
N GLU A 119 -10.67 6.13 17.26
CA GLU A 119 -10.94 4.79 17.79
C GLU A 119 -12.37 4.33 17.55
N TYR A 120 -13.32 5.26 17.61
CA TYR A 120 -14.73 4.90 17.40
C TYR A 120 -14.94 4.37 15.97
N ARG A 121 -14.35 5.03 15.00
CA ARG A 121 -14.48 4.59 13.61
C ARG A 121 -13.77 3.27 13.35
N MET A 122 -12.64 3.07 14.03
CA MET A 122 -11.90 1.83 13.88
C MET A 122 -12.81 0.68 14.29
N HIS A 123 -13.62 0.92 15.32
CA HIS A 123 -14.56 -0.08 15.81
C HIS A 123 -15.77 -0.22 14.89
N LYS A 124 -16.38 0.90 14.54
CA LYS A 124 -17.56 0.90 13.69
C LYS A 124 -17.30 0.30 12.31
N SER A 125 -16.06 0.41 11.83
CA SER A 125 -15.71 -0.13 10.52
C SER A 125 -15.55 -1.64 10.56
N ARG A 126 -15.57 -2.22 11.76
CA ARG A 126 -15.40 -3.64 11.96
C ARG A 126 -14.03 -4.05 11.44
N MET A 127 -13.14 -3.06 11.40
N MET A 127 -13.13 -3.07 11.38
CA MET A 127 -11.79 -3.25 10.91
CA MET A 127 -11.75 -3.28 10.91
C MET A 127 -10.79 -2.86 12.00
C MET A 127 -10.76 -2.96 12.01
N TYR A 128 -11.22 -2.95 13.25
CA TYR A 128 -10.37 -2.59 14.39
C TYR A 128 -9.01 -3.29 14.43
N SER A 129 -8.98 -4.62 14.40
CA SER A 129 -7.70 -5.33 14.44
C SER A 129 -6.77 -4.91 13.31
N GLN A 130 -7.30 -4.75 12.10
CA GLN A 130 -6.47 -4.33 10.98
C GLN A 130 -5.97 -2.90 11.21
N CYS A 131 -6.84 -2.04 11.74
CA CYS A 131 -6.45 -0.66 12.01
C CYS A 131 -5.33 -0.61 13.04
N VAL A 132 -5.36 -1.50 14.02
CA VAL A 132 -4.32 -1.54 15.04
C VAL A 132 -2.96 -1.80 14.40
N ARG A 133 -2.92 -2.75 13.47
CA ARG A 133 -1.67 -3.06 12.79
C ARG A 133 -1.22 -1.89 11.92
N MET A 134 -2.16 -1.24 11.25
CA MET A 134 -1.82 -0.11 10.41
C MET A 134 -1.31 1.07 11.24
N ARG A 135 -1.90 1.28 12.41
CA ARG A 135 -1.44 2.38 13.26
C ARG A 135 -0.06 2.06 13.82
N HIS A 136 0.20 0.77 14.09
CA HIS A 136 1.50 0.37 14.61
C HIS A 136 2.56 0.70 13.56
N LEU A 137 2.26 0.40 12.31
CA LEU A 137 3.18 0.69 11.21
C LEU A 137 3.45 2.20 11.19
N SER A 138 2.38 2.99 11.29
CA SER A 138 2.52 4.44 11.30
C SER A 138 3.48 4.88 12.40
N GLN A 139 3.36 4.26 13.57
CA GLN A 139 4.22 4.59 14.69
C GLN A 139 5.69 4.31 14.42
N GLU A 140 5.96 3.28 13.63
N GLU A 140 5.95 3.28 13.62
CA GLU A 140 7.34 2.92 13.31
CA GLU A 140 7.31 2.89 13.28
C GLU A 140 8.05 4.01 12.51
C GLU A 140 8.04 3.98 12.50
N PHE A 141 7.30 4.76 11.71
CA PHE A 141 7.90 5.84 10.93
C PHE A 141 8.51 6.82 11.91
N GLY A 142 7.85 6.98 13.06
CA GLY A 142 8.35 7.87 14.08
C GLY A 142 9.48 7.25 14.88
N TRP A 143 9.29 6.01 15.32
CA TRP A 143 10.31 5.32 16.11
C TRP A 143 11.63 5.15 15.37
N LEU A 144 11.56 4.88 14.07
CA LEU A 144 12.76 4.70 13.27
C LEU A 144 13.26 5.99 12.63
N GLN A 145 12.55 7.09 12.87
CA GLN A 145 12.91 8.38 12.29
C GLN A 145 13.11 8.26 10.78
N ILE A 146 12.11 7.68 10.12
CA ILE A 146 12.16 7.49 8.68
C ILE A 146 12.08 8.86 7.99
N THR A 147 13.01 9.11 7.08
CA THR A 147 13.04 10.39 6.36
C THR A 147 12.03 10.34 5.21
N PRO A 148 11.58 11.52 4.74
CA PRO A 148 10.62 11.55 3.64
C PRO A 148 11.19 10.85 2.40
N GLN A 149 12.50 10.96 2.22
CA GLN A 149 13.16 10.34 1.08
C GLN A 149 13.25 8.81 1.23
N GLU A 150 13.50 8.34 2.45
CA GLU A 150 13.54 6.89 2.67
C GLU A 150 12.14 6.36 2.41
N PHE A 151 11.13 7.13 2.85
CA PHE A 151 9.75 6.73 2.62
C PHE A 151 9.47 6.57 1.13
N LEU A 152 9.84 7.58 0.34
CA LEU A 152 9.61 7.51 -1.10
C LEU A 152 10.27 6.30 -1.75
N CYS A 153 11.52 6.03 -1.37
N CYS A 153 11.52 6.03 -1.39
CA CYS A 153 12.24 4.89 -1.94
CA CYS A 153 12.23 4.89 -1.97
C CYS A 153 11.64 3.55 -1.52
C CYS A 153 11.65 3.55 -1.52
N MET A 154 11.28 3.43 -0.25
N MET A 154 11.25 3.48 -0.25
CA MET A 154 10.68 2.18 0.22
CA MET A 154 10.66 2.26 0.29
C MET A 154 9.34 1.97 -0.48
C MET A 154 9.33 1.97 -0.38
N LYS A 155 8.54 3.02 -0.60
CA LYS A 155 7.25 2.87 -1.26
C LYS A 155 7.42 2.39 -2.70
N ALA A 156 8.39 2.93 -3.41
CA ALA A 156 8.64 2.50 -4.79
C ALA A 156 9.02 1.01 -4.77
N LEU A 157 9.84 0.61 -3.82
CA LEU A 157 10.24 -0.80 -3.74
C LEU A 157 9.04 -1.72 -3.46
N LEU A 158 8.04 -1.23 -2.73
CA LEU A 158 6.87 -2.05 -2.42
C LEU A 158 6.13 -2.48 -3.68
N LEU A 159 6.19 -1.65 -4.72
CA LEU A 159 5.53 -1.98 -5.99
C LEU A 159 6.12 -3.26 -6.57
N PHE A 160 7.39 -3.52 -6.27
CA PHE A 160 8.09 -4.70 -6.78
C PHE A 160 8.30 -5.74 -5.69
N SER A 161 7.34 -5.86 -4.78
CA SER A 161 7.48 -6.80 -3.67
C SER A 161 6.45 -7.92 -3.55
N ILE A 162 5.74 -8.23 -4.63
CA ILE A 162 4.76 -9.31 -4.59
C ILE A 162 4.46 -9.78 -6.00
N ILE A 163 4.71 -11.06 -6.27
CA ILE A 163 4.51 -11.59 -7.61
C ILE A 163 4.06 -13.04 -7.65
N PRO A 164 3.59 -13.51 -8.81
N PRO A 164 3.61 -13.52 -8.81
CA PRO A 164 3.14 -14.90 -8.93
CA PRO A 164 3.15 -14.90 -8.95
C PRO A 164 4.31 -15.85 -8.72
C PRO A 164 4.33 -15.85 -8.70
N VAL A 165 4.08 -16.93 -7.97
CA VAL A 165 5.12 -17.90 -7.70
C VAL A 165 5.64 -18.50 -9.00
N ASP A 166 4.77 -18.60 -10.00
CA ASP A 166 5.17 -19.15 -11.30
C ASP A 166 5.78 -18.11 -12.23
N GLY A 167 5.92 -16.88 -11.73
CA GLY A 167 6.53 -15.82 -12.51
C GLY A 167 5.67 -14.97 -13.42
N LEU A 168 6.20 -13.80 -13.77
CA LEU A 168 5.54 -12.86 -14.66
C LEU A 168 5.91 -13.18 -16.12
N LYS A 169 5.22 -12.54 -17.06
CA LYS A 169 5.48 -12.77 -18.47
C LYS A 169 6.94 -12.45 -18.82
N ASN A 170 7.46 -11.40 -18.20
CA ASN A 170 8.85 -11.00 -18.42
C ASN A 170 9.46 -10.87 -17.04
N GLN A 171 9.53 -12.01 -16.36
CA GLN A 171 10.06 -12.07 -15.00
C GLN A 171 11.50 -11.57 -14.92
N LYS A 172 12.27 -11.80 -15.97
CA LYS A 172 13.67 -11.38 -15.97
C LYS A 172 13.83 -9.87 -15.83
N PHE A 173 13.01 -9.10 -16.53
CA PHE A 173 13.13 -7.65 -16.40
C PHE A 173 12.64 -7.16 -15.04
N PHE A 174 11.62 -7.82 -14.51
CA PHE A 174 11.10 -7.46 -13.19
C PHE A 174 12.24 -7.61 -12.18
N ASP A 175 12.91 -8.75 -12.24
CA ASP A 175 14.03 -9.02 -11.33
C ASP A 175 15.06 -7.90 -11.41
N GLU A 176 15.33 -7.43 -12.62
CA GLU A 176 16.30 -6.36 -12.83
C GLU A 176 15.84 -5.04 -12.22
N LEU A 177 14.56 -4.73 -12.37
CA LEU A 177 14.01 -3.49 -11.81
C LEU A 177 14.08 -3.53 -10.31
N ARG A 178 13.62 -4.63 -9.73
CA ARG A 178 13.63 -4.77 -8.28
C ARG A 178 15.04 -4.57 -7.75
N MET A 179 16.02 -5.20 -8.40
CA MET A 179 17.41 -5.06 -7.98
C MET A 179 17.84 -3.59 -7.96
N ASN A 180 17.51 -2.87 -9.02
CA ASN A 180 17.88 -1.46 -9.12
C ASN A 180 17.20 -0.59 -8.06
N TYR A 181 15.97 -0.92 -7.69
CA TYR A 181 15.27 -0.15 -6.67
C TYR A 181 15.86 -0.43 -5.29
N ILE A 182 16.36 -1.64 -5.09
CA ILE A 182 16.97 -1.98 -3.81
C ILE A 182 18.27 -1.18 -3.72
N LYS A 183 18.98 -1.11 -4.84
CA LYS A 183 20.24 -0.37 -4.90
C LYS A 183 20.04 1.12 -4.60
N GLU A 184 18.94 1.69 -5.09
CA GLU A 184 18.69 3.11 -4.83
C GLU A 184 18.36 3.35 -3.35
N LEU A 185 17.70 2.39 -2.72
CA LEU A 185 17.38 2.51 -1.30
C LEU A 185 18.67 2.46 -0.50
N ASP A 186 19.57 1.57 -0.89
CA ASP A 186 20.84 1.43 -0.20
C ASP A 186 21.62 2.72 -0.42
N ARG A 187 21.38 3.34 -1.56
CA ARG A 187 22.06 4.59 -1.92
C ARG A 187 21.74 5.74 -0.97
N ILE A 188 20.45 5.97 -0.75
CA ILE A 188 20.03 7.06 0.13
C ILE A 188 20.54 6.82 1.55
N ILE A 189 20.65 5.56 1.93
CA ILE A 189 21.14 5.20 3.25
C ILE A 189 22.63 5.55 3.37
N ALA A 190 23.37 5.28 2.31
CA ALA A 190 24.81 5.55 2.29
C ALA A 190 25.12 7.04 2.16
N CYS A 191 24.15 7.82 1.70
CA CYS A 191 24.35 9.25 1.53
C CYS A 191 24.13 10.00 2.85
N THR A 197 29.01 0.29 9.12
CA THR A 197 28.28 -0.37 10.19
C THR A 197 26.94 0.30 10.44
N SER A 198 26.90 1.63 10.32
CA SER A 198 25.67 2.37 10.51
C SER A 198 24.71 2.06 9.36
N CYS A 199 25.26 2.06 8.15
CA CYS A 199 24.48 1.76 6.96
C CYS A 199 23.87 0.37 7.06
N SER A 200 24.67 -0.59 7.52
CA SER A 200 24.21 -1.96 7.67
C SER A 200 23.00 -2.03 8.59
N ARG A 201 23.11 -1.40 9.76
CA ARG A 201 22.04 -1.37 10.73
C ARG A 201 20.77 -0.75 10.15
N ARG A 202 20.95 0.36 9.42
CA ARG A 202 19.82 1.06 8.82
C ARG A 202 19.12 0.22 7.76
N PHE A 203 19.90 -0.43 6.91
CA PHE A 203 19.32 -1.27 5.87
C PHE A 203 18.52 -2.40 6.50
N TYR A 204 19.05 -2.93 7.59
CA TYR A 204 18.36 -4.01 8.31
C TYR A 204 17.02 -3.51 8.82
N GLN A 205 17.02 -2.34 9.45
CA GLN A 205 15.80 -1.76 9.99
C GLN A 205 14.76 -1.49 8.91
N LEU A 206 15.19 -0.90 7.81
CA LEU A 206 14.27 -0.57 6.73
C LEU A 206 13.69 -1.78 6.04
N THR A 207 14.50 -2.80 5.79
CA THR A 207 13.99 -4.01 5.14
C THR A 207 13.05 -4.75 6.09
N LYS A 208 13.30 -4.65 7.39
CA LYS A 208 12.42 -5.29 8.36
C LYS A 208 11.08 -4.57 8.34
N LEU A 209 11.12 -3.24 8.23
CA LEU A 209 9.90 -2.45 8.18
C LEU A 209 9.12 -2.80 6.91
N LEU A 210 9.83 -2.89 5.79
CA LEU A 210 9.18 -3.25 4.52
C LEU A 210 8.48 -4.60 4.65
N ASP A 211 9.18 -5.59 5.19
CA ASP A 211 8.59 -6.91 5.36
C ASP A 211 7.31 -6.87 6.20
N SER A 212 7.27 -5.98 7.19
CA SER A 212 6.12 -5.89 8.08
C SER A 212 4.83 -5.42 7.40
N VAL A 213 4.97 -4.82 6.23
CA VAL A 213 3.81 -4.34 5.49
C VAL A 213 3.00 -5.49 4.92
N GLN A 214 3.70 -6.52 4.47
CA GLN A 214 3.07 -7.67 3.84
C GLN A 214 1.99 -8.37 4.67
N PRO A 215 2.27 -8.70 5.94
CA PRO A 215 1.24 -9.36 6.75
C PRO A 215 0.00 -8.47 6.94
N ILE A 216 0.22 -7.17 7.00
CA ILE A 216 -0.87 -6.23 7.18
C ILE A 216 -1.72 -6.23 5.90
N ALA A 217 -1.07 -6.14 4.75
CA ALA A 217 -1.79 -6.16 3.48
C ALA A 217 -2.61 -7.45 3.37
N ARG A 218 -2.02 -8.56 3.79
CA ARG A 218 -2.69 -9.86 3.75
C ARG A 218 -4.02 -9.83 4.52
N GLU A 219 -3.99 -9.27 5.72
N GLU A 219 -4.00 -9.29 5.72
CA GLU A 219 -5.19 -9.17 6.55
CA GLU A 219 -5.22 -9.22 6.52
C GLU A 219 -6.28 -8.37 5.85
C GLU A 219 -6.29 -8.39 5.81
N LEU A 220 -5.86 -7.33 5.13
CA LEU A 220 -6.80 -6.48 4.41
C LEU A 220 -7.31 -7.19 3.17
N HIS A 221 -6.47 -8.02 2.56
CA HIS A 221 -6.88 -8.78 1.38
C HIS A 221 -7.99 -9.72 1.81
N GLN A 222 -7.79 -10.38 2.95
CA GLN A 222 -8.79 -11.31 3.46
C GLN A 222 -10.09 -10.57 3.79
N PHE A 223 -9.95 -9.43 4.46
CA PHE A 223 -11.10 -8.63 4.85
C PHE A 223 -11.89 -8.13 3.65
N THR A 224 -11.21 -7.59 2.66
N THR A 224 -11.17 -7.62 2.67
CA THR A 224 -11.91 -7.08 1.48
CA THR A 224 -11.77 -7.09 1.44
C THR A 224 -12.55 -8.22 0.70
C THR A 224 -12.50 -8.19 0.68
N PHE A 225 -11.88 -9.36 0.61
CA PHE A 225 -12.45 -10.51 -0.10
C PHE A 225 -13.74 -10.93 0.59
N ASP A 226 -13.67 -11.13 1.90
CA ASP A 226 -14.84 -11.53 2.68
C ASP A 226 -15.96 -10.52 2.57
N LEU A 227 -15.61 -9.25 2.55
CA LEU A 227 -16.60 -8.19 2.46
C LEU A 227 -17.30 -8.21 1.10
N LEU A 228 -16.56 -8.48 0.04
CA LEU A 228 -17.17 -8.52 -1.29
C LEU A 228 -18.17 -9.67 -1.35
N ILE A 229 -17.77 -10.82 -0.83
CA ILE A 229 -18.64 -12.00 -0.82
C ILE A 229 -19.95 -11.75 -0.09
N LYS A 230 -19.92 -10.89 0.92
CA LYS A 230 -21.13 -10.59 1.69
C LYS A 230 -21.60 -9.15 1.56
N SER A 231 -21.05 -8.42 0.60
CA SER A 231 -21.40 -7.02 0.39
C SER A 231 -22.90 -6.78 0.25
N HIS A 232 -23.61 -7.75 -0.34
CA HIS A 232 -25.04 -7.64 -0.54
C HIS A 232 -25.83 -7.75 0.75
N MET A 233 -25.22 -8.31 1.79
CA MET A 233 -25.90 -8.46 3.07
C MET A 233 -25.62 -7.29 4.01
N VAL A 234 -24.49 -6.61 3.80
CA VAL A 234 -24.11 -5.50 4.66
C VAL A 234 -24.26 -4.12 4.00
N SER A 235 -24.79 -4.10 2.78
CA SER A 235 -25.00 -2.86 2.05
C SER A 235 -23.71 -2.08 1.76
N VAL A 236 -22.77 -2.71 1.06
CA VAL A 236 -21.51 -2.05 0.70
C VAL A 236 -21.48 -1.71 -0.79
N ASP A 237 -21.94 -2.65 -1.61
CA ASP A 237 -21.99 -2.48 -3.07
C ASP A 237 -20.69 -2.71 -3.85
N PHE A 238 -19.67 -1.90 -3.59
CA PHE A 238 -18.39 -2.00 -4.28
C PHE A 238 -18.49 -1.56 -5.74
N PRO A 239 -17.66 -0.59 -6.15
CA PRO A 239 -17.74 -0.17 -7.55
C PRO A 239 -17.35 -1.33 -8.45
N GLU A 240 -18.02 -1.45 -9.60
CA GLU A 240 -17.77 -2.53 -10.55
C GLU A 240 -16.31 -2.91 -10.76
N MET A 241 -15.45 -1.92 -10.97
CA MET A 241 -14.04 -2.19 -11.21
C MET A 241 -13.34 -2.85 -10.02
N MET A 242 -13.63 -2.36 -8.82
N MET A 242 -13.62 -2.38 -8.82
CA MET A 242 -13.02 -2.92 -7.61
CA MET A 242 -13.00 -2.95 -7.63
C MET A 242 -13.45 -4.36 -7.41
C MET A 242 -13.44 -4.38 -7.43
N ALA A 243 -14.74 -4.63 -7.63
CA ALA A 243 -15.28 -5.97 -7.48
C ALA A 243 -14.58 -6.96 -8.41
N GLU A 244 -14.27 -6.51 -9.62
CA GLU A 244 -13.60 -7.36 -10.59
C GLU A 244 -12.18 -7.69 -10.13
N ILE A 245 -11.45 -6.66 -9.74
CA ILE A 245 -10.08 -6.86 -9.28
C ILE A 245 -10.03 -7.75 -8.03
N ILE A 246 -10.96 -7.51 -7.11
CA ILE A 246 -11.00 -8.30 -5.88
C ILE A 246 -11.35 -9.76 -6.16
N SER A 247 -12.25 -10.01 -7.11
CA SER A 247 -12.64 -11.38 -7.41
C SER A 247 -11.64 -12.15 -8.26
N VAL A 248 -10.81 -11.43 -9.01
CA VAL A 248 -9.84 -12.07 -9.89
C VAL A 248 -8.42 -12.13 -9.34
N GLN A 249 -7.95 -11.02 -8.79
CA GLN A 249 -6.59 -10.94 -8.28
C GLN A 249 -6.39 -11.30 -6.81
N VAL A 250 -7.26 -10.81 -5.94
CA VAL A 250 -7.10 -11.09 -4.52
C VAL A 250 -7.07 -12.58 -4.17
N PRO A 251 -7.93 -13.41 -4.80
CA PRO A 251 -7.91 -14.84 -4.47
C PRO A 251 -6.59 -15.51 -4.85
N LYS A 252 -5.87 -14.97 -5.84
CA LYS A 252 -4.60 -15.53 -6.25
C LYS A 252 -3.63 -15.37 -5.08
N ILE A 253 -3.74 -14.24 -4.40
CA ILE A 253 -2.88 -13.95 -3.25
C ILE A 253 -3.28 -14.83 -2.07
N LEU A 254 -4.57 -14.87 -1.76
CA LEU A 254 -5.06 -15.66 -0.64
C LEU A 254 -4.83 -17.16 -0.80
N SER A 255 -4.87 -17.64 -2.04
CA SER A 255 -4.67 -19.07 -2.30
C SER A 255 -3.19 -19.43 -2.43
N GLY A 256 -2.31 -18.43 -2.37
CA GLY A 256 -0.89 -18.69 -2.47
C GLY A 256 -0.26 -18.73 -3.84
N LYS A 257 -1.02 -18.40 -4.88
CA LYS A 257 -0.47 -18.38 -6.23
C LYS A 257 0.41 -17.16 -6.43
N VAL A 258 0.10 -16.10 -5.69
CA VAL A 258 0.86 -14.85 -5.74
C VAL A 258 1.34 -14.63 -4.31
N LYS A 259 2.65 -14.49 -4.14
CA LYS A 259 3.20 -14.31 -2.81
C LYS A 259 4.13 -13.12 -2.66
N PRO A 260 4.15 -12.51 -1.47
CA PRO A 260 5.03 -11.36 -1.27
C PRO A 260 6.49 -11.80 -1.27
N ILE A 261 7.37 -10.88 -1.64
CA ILE A 261 8.80 -11.15 -1.65
C ILE A 261 9.33 -10.56 -0.36
N TYR A 262 9.83 -11.43 0.52
CA TYR A 262 10.37 -10.97 1.80
C TYR A 262 11.88 -10.86 1.75
N PHE A 263 12.42 -9.92 2.53
CA PHE A 263 13.87 -9.76 2.61
C PHE A 263 14.37 -10.81 3.58
N HIS A 264 13.71 -10.88 4.73
CA HIS A 264 14.08 -11.80 5.79
C HIS A 264 13.15 -13.00 5.83
N THR A 265 13.66 -14.13 6.29
CA THR A 265 12.86 -15.34 6.38
C THR A 265 11.86 -15.19 7.52
N GLN A 266 10.58 -15.39 7.20
CA GLN A 266 9.52 -15.26 8.19
C GLN A 266 9.39 -16.53 9.03
S SO4 B . -23.56 -0.22 12.38
O1 SO4 B . -22.19 0.55 12.00
O2 SO4 B . -24.35 -0.22 11.17
O3 SO4 B . -23.29 -1.42 12.81
O4 SO4 B . -24.16 0.67 13.34
C23 ENM C . -7.91 -3.02 -5.33
C24 ENM C . -6.76 -3.56 -5.96
F2 ENM C . -6.26 -3.00 -7.10
C25 ENM C . -6.11 -4.67 -5.40
C26 ENM C . -6.58 -5.23 -4.20
F1 ENM C . -5.93 -6.27 -3.64
C27 ENM C . -7.72 -4.69 -3.57
C22 ENM C . -8.38 -3.58 -4.13
C21 ENM C . -9.44 -3.01 -3.44
O03 ENM C . -9.47 -3.16 -2.01
C20 ENM C . -10.43 -2.31 -1.39
C19 ENM C . -10.18 -2.40 0.13
C12 ENM C . -11.07 -1.40 0.97
C13 ENM C . -11.24 -0.03 0.27
C14 ENM C . -9.83 0.66 0.12
C10 ENM C . -9.13 0.82 1.51
C05 ENM C . -7.75 1.55 1.42
C18 ENM C . -6.76 0.73 0.54
C06 ENM C . -7.96 2.96 0.79
C01 ENM C . -6.66 3.80 0.78
C02 ENM C . -6.01 3.83 2.17
O02 ENM C . -5.63 4.89 2.68
C03 ENM C . -5.86 2.50 2.94
C04 ENM C . -7.19 1.71 2.88
C07 ENM C . -7.04 0.34 3.59
C08 ENM C . -8.40 -0.37 3.66
C09 ENM C . -9.02 -0.56 2.25
C11 ENM C . -10.42 -1.17 2.34
C15 ENM C . -10.58 -2.50 3.07
C16 ENM C . -11.97 -2.99 2.60
C17 ENM C . -12.36 -2.08 1.40
O01 ENM C . -12.99 -2.83 0.35
S1 DTT D . -9.72 15.73 0.08
C1 DTT D . -10.02 17.36 0.65
C2 DTT D . -11.13 17.31 1.65
O2 DTT D . -10.90 18.11 2.36
C3 DTT D . -12.45 17.21 1.09
O3 DTT D . -12.27 17.16 -0.27
C4 DTT D . -13.35 18.28 1.33
S4 DTT D . -14.69 17.29 0.93
O1 MES E . 9.60 3.78 21.59
C2 MES E . 8.48 3.18 22.28
C3 MES E . 7.98 2.03 21.51
N4 MES E . 9.06 1.01 21.40
C5 MES E . 10.24 1.60 20.72
C6 MES E . 10.70 2.84 21.50
C7 MES E . 8.61 -0.18 20.63
C8 MES E . 7.39 -0.86 21.28
S MES E . 6.90 -2.32 20.31
O1S MES E . 8.00 -3.27 20.28
O2S MES E . 6.60 -1.90 18.95
O3S MES E . 5.74 -2.94 20.91
#